data_5PO7
#
_entry.id   5PO7
#
_cell.length_a   55.993
_cell.length_b   55.986
_cell.length_c   101.590
_cell.angle_alpha   90.000
_cell.angle_beta   90.000
_cell.angle_gamma   90.000
#
_symmetry.space_group_name_H-M   'P 21 21 21'
#
loop_
_entity.id
_entity.type
_entity.pdbx_description
1 polymer 'Bromodomain-containing protein 1'
2 non-polymer 1,3-dimethyl-5-(methylamino)-6-nitro-1,3-dihydro-2H-benzimidazol-2-one
3 non-polymer 'SODIUM ION'
4 non-polymer 1,2-ETHANEDIOL
5 water water
#
_entity_poly.entity_id   1
_entity_poly.type   'polypeptide(L)'
_entity_poly.pdbx_seq_one_letter_code
;MHHHHHHSSGVDLGTENLYFQSMEQVAMELRLTELTRLLRSVLDQLQDKDPARIFAQPVSLKEVPDYLDHIKHPMDFATM
RKRLEAQGYKNLHEFEEDFDLIIDNCMKYNARDTVFYRAAVRLRDQGGVVLRQARREVDSIGLEEASGMHLPERPA
;
_entity_poly.pdbx_strand_id   A,B
#
loop_
_chem_comp.id
_chem_comp.type
_chem_comp.name
_chem_comp.formula
8SV non-polymer 1,3-dimethyl-5-(methylamino)-6-nitro-1,3-dihydro-2H-benzimidazol-2-one 'C10 H12 N4 O3'
EDO non-polymer 1,2-ETHANEDIOL 'C2 H6 O2'
NA non-polymer 'SODIUM ION' 'Na 1'
#
# COMPACT_ATOMS: atom_id res chain seq x y z
N SER A 22 -21.89 -5.95 -29.85
CA SER A 22 -20.93 -5.62 -30.90
C SER A 22 -19.78 -6.61 -30.92
N MET A 23 -19.10 -6.69 -32.06
CA MET A 23 -17.93 -7.54 -32.19
CA MET A 23 -17.93 -7.56 -32.18
C MET A 23 -16.80 -7.08 -31.27
N GLU A 24 -16.66 -5.76 -31.12
CA GLU A 24 -15.60 -5.21 -30.27
C GLU A 24 -15.81 -5.64 -28.81
N GLN A 25 -17.06 -5.63 -28.36
CA GLN A 25 -17.36 -6.07 -27.00
C GLN A 25 -17.00 -7.55 -26.80
N VAL A 26 -17.32 -8.39 -27.79
CA VAL A 26 -16.96 -9.80 -27.72
C VAL A 26 -15.45 -10.00 -27.67
N ALA A 27 -14.72 -9.18 -28.43
CA ALA A 27 -13.27 -9.26 -28.44
C ALA A 27 -12.70 -8.90 -27.07
N MET A 28 -13.26 -7.85 -26.46
CA MET A 28 -12.85 -7.41 -25.12
C MET A 28 -13.12 -8.50 -24.09
N GLU A 29 -14.28 -9.15 -24.22
CA GLU A 29 -14.64 -10.22 -23.30
C GLU A 29 -13.73 -11.44 -23.47
N LEU A 30 -13.30 -11.70 -24.69
CA LEU A 30 -12.38 -12.81 -24.95
C LEU A 30 -11.03 -12.53 -24.31
N ARG A 31 -10.60 -11.27 -24.39
CA ARG A 31 -9.33 -10.86 -23.79
C ARG A 31 -9.36 -11.06 -22.27
N LEU A 32 -10.47 -10.69 -21.66
CA LEU A 32 -10.66 -10.82 -20.22
C LEU A 32 -10.67 -12.29 -19.80
N THR A 33 -11.30 -13.12 -20.62
CA THR A 33 -11.33 -14.56 -20.35
C THR A 33 -9.94 -15.16 -20.43
N GLU A 34 -9.17 -14.71 -21.40
CA GLU A 34 -7.79 -15.15 -21.56
C GLU A 34 -6.92 -14.67 -20.40
N LEU A 35 -7.14 -13.42 -19.98
CA LEU A 35 -6.40 -12.91 -18.83
C LEU A 35 -6.73 -13.75 -17.61
N THR A 36 -8.01 -14.06 -17.44
CA THR A 36 -8.46 -14.84 -16.30
C THR A 36 -7.82 -16.22 -16.30
N ARG A 37 -7.67 -16.83 -17.48
CA ARG A 37 -7.03 -18.13 -17.56
C ARG A 37 -5.57 -18.04 -17.09
N LEU A 38 -4.87 -17.01 -17.54
CA LEU A 38 -3.48 -16.83 -17.16
C LEU A 38 -3.37 -16.59 -15.66
N LEU A 39 -4.23 -15.74 -15.12
CA LEU A 39 -4.18 -15.43 -13.68
C LEU A 39 -4.54 -16.65 -12.84
N ARG A 40 -5.37 -17.54 -13.38
CA ARG A 40 -5.67 -18.79 -12.68
C ARG A 40 -4.42 -19.64 -12.55
N SER A 41 -3.61 -19.71 -13.61
CA SER A 41 -2.37 -20.47 -13.58
C SER A 41 -1.40 -19.84 -12.59
N VAL A 42 -1.33 -18.52 -12.62
CA VAL A 42 -0.49 -17.78 -11.69
C VAL A 42 -0.92 -18.05 -10.24
N LEU A 43 -2.21 -17.92 -9.95
CA LEU A 43 -2.71 -18.14 -8.60
C LEU A 43 -2.40 -19.56 -8.11
N ASP A 44 -2.60 -20.56 -8.96
CA ASP A 44 -2.28 -21.94 -8.58
C ASP A 44 -0.81 -22.09 -8.24
N GLN A 45 0.05 -21.46 -9.03
CA GLN A 45 1.49 -21.53 -8.78
C GLN A 45 1.87 -20.85 -7.47
N LEU A 46 1.28 -19.68 -7.23
CA LEU A 46 1.57 -18.94 -6.01
C LEU A 46 1.12 -19.74 -4.80
N GLN A 47 -0.05 -20.37 -4.90
CA GLN A 47 -0.57 -21.13 -3.79
C GLN A 47 0.30 -22.37 -3.52
N ASP A 48 0.93 -22.90 -4.57
CA ASP A 48 1.85 -24.02 -4.40
C ASP A 48 3.04 -23.65 -3.51
N LYS A 49 3.34 -22.36 -3.45
CA LYS A 49 4.45 -21.86 -2.63
C LYS A 49 4.03 -21.69 -1.17
N ASP A 50 2.80 -22.07 -0.85
CA ASP A 50 2.25 -22.01 0.51
C ASP A 50 1.72 -23.39 0.92
N PRO A 51 2.62 -24.39 1.03
CA PRO A 51 2.19 -25.76 1.29
C PRO A 51 1.54 -25.93 2.67
N ALA A 52 1.85 -25.02 3.58
CA ALA A 52 1.26 -25.03 4.92
C ALA A 52 -0.17 -24.48 4.92
N ARG A 53 -0.55 -23.87 3.80
CA ARG A 53 -1.89 -23.27 3.60
C ARG A 53 -2.18 -22.19 4.65
N ILE A 54 -1.13 -21.46 5.02
CA ILE A 54 -1.25 -20.37 5.96
C ILE A 54 -2.07 -19.22 5.38
N PHE A 55 -2.05 -19.09 4.05
CA PHE A 55 -2.73 -17.97 3.39
C PHE A 55 -3.94 -18.42 2.57
N ALA A 56 -4.37 -19.66 2.80
CA ALA A 56 -5.42 -20.24 1.96
C ALA A 56 -6.81 -19.64 2.21
N GLN A 57 -7.05 -19.22 3.45
CA GLN A 57 -8.38 -18.76 3.87
C GLN A 57 -8.27 -17.46 4.65
N PRO A 58 -9.38 -16.70 4.77
CA PRO A 58 -9.33 -15.51 5.63
C PRO A 58 -8.86 -15.83 7.04
N VAL A 59 -8.07 -14.93 7.61
CA VAL A 59 -7.67 -15.06 8.99
C VAL A 59 -8.93 -15.12 9.86
N SER A 60 -9.01 -16.17 10.69
CA SER A 60 -10.19 -16.41 11.52
C SER A 60 -10.32 -15.39 12.63
N LEU A 61 -11.49 -14.77 12.70
CA LEU A 61 -11.77 -13.78 13.73
C LEU A 61 -12.12 -14.47 15.05
N LYS A 62 -12.18 -15.80 15.03
CA LYS A 62 -12.37 -16.59 16.24
C LYS A 62 -11.02 -16.83 16.90
N GLU A 63 -10.03 -17.17 16.07
CA GLU A 63 -8.68 -17.39 16.54
C GLU A 63 -7.97 -16.07 16.80
N VAL A 64 -8.35 -15.04 16.04
CA VAL A 64 -7.73 -13.72 16.12
C VAL A 64 -8.78 -12.63 16.21
N PRO A 65 -9.40 -12.48 17.40
CA PRO A 65 -10.57 -11.58 17.55
C PRO A 65 -10.32 -10.12 17.21
N ASP A 66 -9.09 -9.64 17.39
CA ASP A 66 -8.81 -8.22 17.19
C ASP A 66 -8.26 -7.93 15.79
N TYR A 67 -8.29 -8.92 14.91
CA TYR A 67 -7.60 -8.79 13.61
C TYR A 67 -7.98 -7.53 12.82
N LEU A 68 -9.28 -7.21 12.79
CA LEU A 68 -9.76 -6.08 12.00
C LEU A 68 -9.44 -4.73 12.61
N ASP A 69 -9.06 -4.70 13.88
CA ASP A 69 -8.57 -3.47 14.48
C ASP A 69 -7.19 -3.13 13.90
N HIS A 70 -6.50 -4.17 13.43
CA HIS A 70 -5.13 -4.00 12.95
C HIS A 70 -5.07 -3.87 11.44
N ILE A 71 -5.79 -4.75 10.75
CA ILE A 71 -5.70 -4.88 9.31
C ILE A 71 -6.98 -4.38 8.64
N LYS A 72 -6.86 -3.33 7.84
CA LYS A 72 -8.05 -2.69 7.28
C LYS A 72 -8.55 -3.36 6.00
N HIS A 73 -7.65 -4.06 5.30
CA HIS A 73 -8.05 -4.77 4.10
C HIS A 73 -7.53 -6.20 4.06
N PRO A 74 -8.21 -7.11 4.78
CA PRO A 74 -7.84 -8.53 4.78
C PRO A 74 -7.83 -9.13 3.38
N MET A 75 -6.94 -10.11 3.16
CA MET A 75 -6.92 -10.82 1.90
C MET A 75 -6.35 -12.22 2.10
N ASP A 76 -6.71 -13.12 1.20
CA ASP A 76 -6.30 -14.53 1.26
C ASP A 76 -6.52 -15.15 -0.12
N PHE A 77 -5.97 -16.33 -0.34
CA PHE A 77 -6.08 -16.96 -1.67
C PHE A 77 -7.52 -17.35 -2.05
N ALA A 78 -8.34 -17.78 -1.10
CA ALA A 78 -9.72 -18.16 -1.42
C ALA A 78 -10.51 -16.95 -1.89
N THR A 79 -10.28 -15.81 -1.25
CA THR A 79 -10.97 -14.58 -1.61
C THR A 79 -10.52 -14.13 -3.00
N MET A 80 -9.22 -14.25 -3.27
CA MET A 80 -8.71 -13.94 -4.61
C MET A 80 -9.33 -14.85 -5.67
N ARG A 81 -9.49 -16.13 -5.36
CA ARG A 81 -10.01 -17.08 -6.33
C ARG A 81 -11.46 -16.77 -6.67
N LYS A 82 -12.22 -16.34 -5.66
CA LYS A 82 -13.62 -15.95 -5.90
C LYS A 82 -13.68 -14.77 -6.87
N ARG A 83 -12.86 -13.76 -6.61
CA ARG A 83 -12.83 -12.60 -7.49
C ARG A 83 -12.39 -13.00 -8.89
N LEU A 84 -11.41 -13.88 -8.95
CA LEU A 84 -10.86 -14.33 -10.22
C LEU A 84 -11.93 -14.99 -11.10
N GLU A 85 -12.72 -15.88 -10.50
CA GLU A 85 -13.69 -16.63 -11.29
C GLU A 85 -14.90 -15.79 -11.68
N ALA A 86 -15.06 -14.64 -11.03
CA ALA A 86 -16.06 -13.67 -11.45
C ALA A 86 -15.45 -12.72 -12.47
N GLN A 87 -14.25 -13.04 -12.94
CA GLN A 87 -13.50 -12.21 -13.88
C GLN A 87 -13.36 -10.77 -13.34
N GLY A 88 -13.08 -10.66 -12.04
CA GLY A 88 -13.01 -9.38 -11.37
C GLY A 88 -11.65 -8.71 -11.36
N TYR A 89 -10.66 -9.35 -11.96
CA TYR A 89 -9.36 -8.72 -12.18
C TYR A 89 -9.23 -8.25 -13.63
N LYS A 90 -9.24 -6.94 -13.84
CA LYS A 90 -9.19 -6.38 -15.19
C LYS A 90 -7.78 -6.36 -15.78
N ASN A 91 -6.78 -6.43 -14.90
CA ASN A 91 -5.39 -6.42 -15.32
C ASN A 91 -4.52 -7.08 -14.26
N LEU A 92 -3.25 -7.32 -14.57
CA LEU A 92 -2.35 -7.98 -13.64
C LEU A 92 -2.10 -7.14 -12.40
N HIS A 93 -2.10 -5.82 -12.56
CA HIS A 93 -1.84 -4.93 -11.42
C HIS A 93 -2.85 -5.14 -10.30
N GLU A 94 -4.12 -5.29 -10.65
CA GLU A 94 -5.16 -5.47 -9.64
C GLU A 94 -4.95 -6.78 -8.87
N PHE A 95 -4.52 -7.80 -9.61
CA PHE A 95 -4.24 -9.12 -9.05
C PHE A 95 -3.03 -9.04 -8.11
N GLU A 96 -1.97 -8.38 -8.56
CA GLU A 96 -0.79 -8.20 -7.72
C GLU A 96 -1.06 -7.40 -6.45
N GLU A 97 -1.97 -6.43 -6.53
N GLU A 97 -1.99 -6.44 -6.51
CA GLU A 97 -2.32 -5.64 -5.35
CA GLU A 97 -2.28 -5.64 -5.33
C GLU A 97 -2.87 -6.55 -4.26
C GLU A 97 -2.97 -6.48 -4.24
N ASP A 98 -3.75 -7.46 -4.64
CA ASP A 98 -4.35 -8.39 -3.68
C ASP A 98 -3.28 -9.35 -3.14
N PHE A 99 -2.39 -9.85 -4.00
CA PHE A 99 -1.34 -10.73 -3.53
C PHE A 99 -0.46 -9.99 -2.51
N ASP A 100 -0.09 -8.76 -2.83
CA ASP A 100 0.70 -7.96 -1.89
C ASP A 100 -0.01 -7.74 -0.56
N LEU A 101 -1.35 -7.62 -0.56
CA LEU A 101 -2.09 -7.48 0.69
C LEU A 101 -1.90 -8.69 1.59
N ILE A 102 -1.98 -9.89 1.01
CA ILE A 102 -1.76 -11.11 1.77
C ILE A 102 -0.43 -11.04 2.52
N ILE A 103 0.62 -10.69 1.79
CA ILE A 103 1.97 -10.63 2.33
CA ILE A 103 1.95 -10.65 2.35
C ILE A 103 2.12 -9.49 3.34
N ASP A 104 1.68 -8.30 2.93
CA ASP A 104 1.93 -7.11 3.74
C ASP A 104 1.12 -7.12 5.03
N ASN A 105 -0.12 -7.61 4.96
CA ASN A 105 -0.93 -7.71 6.20
C ASN A 105 -0.24 -8.61 7.22
N CYS A 106 0.31 -9.70 6.71
CA CYS A 106 0.91 -10.72 7.56
C CYS A 106 2.17 -10.21 8.23
N MET A 107 2.96 -9.45 7.48
CA MET A 107 4.21 -8.94 8.01
C MET A 107 4.01 -7.76 8.97
N LYS A 108 2.80 -7.21 9.02
CA LYS A 108 2.49 -6.19 10.01
CA LYS A 108 2.40 -6.19 9.99
C LYS A 108 1.92 -6.84 11.28
N TYR A 109 0.98 -7.76 11.13
CA TYR A 109 0.34 -8.31 12.32
C TYR A 109 1.28 -9.20 13.13
N ASN A 110 2.13 -9.93 12.43
CA ASN A 110 3.00 -10.90 13.09
C ASN A 110 4.44 -10.42 13.19
N ALA A 111 5.12 -10.79 14.27
CA ALA A 111 6.51 -10.42 14.49
C ALA A 111 7.48 -11.25 13.65
N ARG A 112 8.70 -10.76 13.49
CA ARG A 112 9.69 -11.41 12.63
C ARG A 112 10.02 -12.85 12.97
N ASP A 113 9.84 -13.22 14.23
CA ASP A 113 10.29 -14.55 14.66
C ASP A 113 9.21 -15.60 14.47
N THR A 114 8.06 -15.22 13.91
CA THR A 114 6.94 -16.15 13.84
C THR A 114 6.91 -16.94 12.55
N VAL A 115 6.25 -18.09 12.61
CA VAL A 115 6.09 -18.94 11.43
C VAL A 115 5.25 -18.20 10.38
N PHE A 116 4.35 -17.34 10.84
CA PHE A 116 3.50 -16.56 9.95
C PHE A 116 4.30 -15.54 9.14
N TYR A 117 5.10 -14.74 9.83
CA TYR A 117 5.88 -13.70 9.16
C TYR A 117 6.84 -14.36 8.17
N ARG A 118 7.49 -15.44 8.62
CA ARG A 118 8.49 -16.09 7.82
C ARG A 118 7.88 -16.76 6.60
N ALA A 119 6.64 -17.25 6.73
CA ALA A 119 5.94 -17.82 5.58
C ALA A 119 5.64 -16.75 4.54
N ALA A 120 5.27 -15.55 5.01
CA ALA A 120 5.01 -14.44 4.09
C ALA A 120 6.28 -14.02 3.34
N VAL A 121 7.42 -13.97 4.04
CA VAL A 121 8.68 -13.64 3.37
C VAL A 121 9.01 -14.63 2.26
N ARG A 122 8.89 -15.91 2.58
CA ARG A 122 9.16 -16.96 1.60
C ARG A 122 8.18 -16.93 0.41
N LEU A 123 6.90 -16.70 0.69
CA LEU A 123 5.91 -16.59 -0.38
C LEU A 123 6.20 -15.37 -1.27
N ARG A 124 6.56 -14.25 -0.67
CA ARG A 124 6.93 -13.04 -1.40
CA ARG A 124 6.90 -13.06 -1.44
C ARG A 124 8.10 -13.31 -2.35
N ASP A 125 9.15 -13.94 -1.80
CA ASP A 125 10.36 -14.20 -2.57
C ASP A 125 10.08 -15.17 -3.73
N GLN A 126 9.48 -16.31 -3.41
CA GLN A 126 9.21 -17.32 -4.42
C GLN A 126 8.15 -16.85 -5.41
N GLY A 127 7.19 -16.06 -4.93
CA GLY A 127 6.14 -15.53 -5.78
C GLY A 127 6.64 -14.52 -6.79
N GLY A 128 7.65 -13.74 -6.40
CA GLY A 128 8.21 -12.72 -7.28
C GLY A 128 8.69 -13.29 -8.61
N VAL A 129 9.24 -14.49 -8.56
CA VAL A 129 9.71 -15.19 -9.75
C VAL A 129 8.56 -15.44 -10.72
N VAL A 130 7.47 -15.99 -10.19
CA VAL A 130 6.27 -16.28 -10.96
C VAL A 130 5.67 -15.01 -11.55
N LEU A 131 5.56 -13.97 -10.74
CA LEU A 131 4.93 -12.74 -11.18
C LEU A 131 5.77 -11.99 -12.21
N ARG A 132 7.08 -12.15 -12.13
CA ARG A 132 7.99 -11.54 -13.10
C ARG A 132 7.71 -12.05 -14.51
N GLN A 133 7.56 -13.37 -14.65
CA GLN A 133 7.31 -13.95 -15.97
C GLN A 133 5.86 -13.72 -16.41
N ALA A 134 4.95 -13.71 -15.45
CA ALA A 134 3.55 -13.39 -15.74
C ALA A 134 3.42 -12.01 -16.37
N ARG A 135 4.15 -11.02 -15.86
CA ARG A 135 4.11 -9.69 -16.44
C ARG A 135 4.57 -9.72 -17.88
N ARG A 136 5.62 -10.50 -18.16
CA ARG A 136 6.11 -10.62 -19.53
C ARG A 136 5.05 -11.23 -20.45
N GLU A 137 4.31 -12.22 -19.93
CA GLU A 137 3.33 -12.94 -20.76
C GLU A 137 2.11 -12.08 -21.05
N VAL A 138 1.66 -11.33 -20.05
CA VAL A 138 0.51 -10.45 -20.21
C VAL A 138 0.80 -9.37 -21.25
N ASP A 139 1.99 -8.77 -21.17
CA ASP A 139 2.44 -7.75 -22.12
C ASP A 139 2.57 -8.31 -23.53
N SER A 140 3.32 -9.40 -23.65
CA SER A 140 3.63 -9.99 -24.95
C SER A 140 2.36 -10.45 -25.67
N ILE A 141 1.49 -11.17 -24.96
CA ILE A 141 0.25 -11.64 -25.57
C ILE A 141 -0.74 -10.49 -25.74
N GLY A 142 -0.62 -9.49 -24.87
CA GLY A 142 -1.47 -8.32 -24.94
C GLY A 142 -2.84 -8.58 -24.34
N LEU A 143 -2.86 -8.87 -23.04
CA LEU A 143 -4.08 -9.33 -22.37
C LEU A 143 -4.79 -8.25 -21.55
N GLU A 144 -4.34 -7.01 -21.67
CA GLU A 144 -4.95 -5.93 -20.89
C GLU A 144 -4.87 -4.59 -21.63
N SER B 22 -0.07 33.20 -20.58
CA SER B 22 -1.33 32.60 -21.00
C SER B 22 -2.16 32.28 -19.76
N MET B 23 -3.48 32.27 -19.94
N MET B 23 -3.48 32.26 -19.93
CA MET B 23 -4.40 31.94 -18.85
CA MET B 23 -4.36 31.97 -18.82
C MET B 23 -4.19 30.52 -18.37
C MET B 23 -4.21 30.51 -18.36
N GLU B 24 -3.78 29.65 -19.29
CA GLU B 24 -3.53 28.26 -18.97
C GLU B 24 -2.33 28.13 -18.04
N GLN B 25 -1.31 28.97 -18.24
CA GLN B 25 -0.17 29.03 -17.33
C GLN B 25 -0.59 29.53 -15.96
N VAL B 26 -1.42 30.56 -15.93
CA VAL B 26 -1.86 31.13 -14.67
C VAL B 26 -2.63 30.08 -13.88
N ALA B 27 -3.54 29.39 -14.55
CA ALA B 27 -4.30 28.36 -13.88
C ALA B 27 -3.41 27.25 -13.34
N MET B 28 -2.41 26.82 -14.11
CA MET B 28 -1.53 25.76 -13.64
CA MET B 28 -1.51 25.77 -13.64
C MET B 28 -0.72 26.20 -12.41
N GLU B 29 -0.25 27.45 -12.42
CA GLU B 29 0.50 27.94 -11.28
C GLU B 29 -0.40 28.10 -10.05
N LEU B 30 -1.64 28.53 -10.26
CA LEU B 30 -2.58 28.59 -9.15
C LEU B 30 -2.85 27.21 -8.56
N ARG B 31 -3.03 26.20 -9.40
CA ARG B 31 -3.28 24.85 -8.88
C ARG B 31 -2.05 24.35 -8.11
N LEU B 32 -0.84 24.68 -8.58
CA LEU B 32 0.38 24.29 -7.88
C LEU B 32 0.44 24.91 -6.49
N THR B 33 0.18 26.21 -6.42
CA THR B 33 0.36 26.87 -5.15
C THR B 33 -0.75 26.49 -4.16
N GLU B 34 -1.96 26.27 -4.66
CA GLU B 34 -3.06 25.84 -3.80
C GLU B 34 -2.87 24.41 -3.31
N LEU B 35 -2.37 23.53 -4.18
CA LEU B 35 -2.05 22.18 -3.72
C LEU B 35 -0.99 22.24 -2.63
N THR B 36 0.03 23.06 -2.83
CA THR B 36 1.10 23.15 -1.85
C THR B 36 0.56 23.69 -0.52
N ARG B 37 -0.34 24.67 -0.58
CA ARG B 37 -0.94 25.23 0.64
CA ARG B 37 -0.94 25.23 0.63
C ARG B 37 -1.71 24.14 1.38
N LEU B 38 -2.50 23.38 0.64
CA LEU B 38 -3.26 22.28 1.22
C LEU B 38 -2.34 21.25 1.87
N LEU B 39 -1.35 20.76 1.13
CA LEU B 39 -0.46 19.73 1.66
C LEU B 39 0.35 20.23 2.87
N ARG B 40 0.75 21.50 2.89
CA ARG B 40 1.47 22.04 4.05
C ARG B 40 0.58 22.00 5.29
N SER B 41 -0.69 22.35 5.12
CA SER B 41 -1.64 22.29 6.24
C SER B 41 -1.85 20.84 6.70
N VAL B 42 -1.98 19.92 5.75
CA VAL B 42 -2.13 18.50 6.09
C VAL B 42 -0.92 18.00 6.86
N LEU B 43 0.27 18.29 6.37
CA LEU B 43 1.48 17.82 7.05
C LEU B 43 1.59 18.40 8.46
N ASP B 44 1.26 19.67 8.62
N ASP B 44 1.22 19.66 8.59
CA ASP B 44 1.27 20.29 9.94
CA ASP B 44 1.20 20.35 9.88
C ASP B 44 0.27 19.61 10.87
C ASP B 44 0.26 19.66 10.85
N GLN B 45 -0.92 19.31 10.37
CA GLN B 45 -1.92 18.60 11.18
C GLN B 45 -1.44 17.21 11.62
N LEU B 46 -0.82 16.47 10.71
CA LEU B 46 -0.31 15.15 11.02
C LEU B 46 0.83 15.23 12.06
N GLN B 47 1.79 16.12 11.86
CA GLN B 47 2.91 16.23 12.81
C GLN B 47 2.45 16.66 14.19
N ASP B 48 1.44 17.52 14.26
CA ASP B 48 0.99 18.00 15.56
CA ASP B 48 0.92 18.01 15.54
C ASP B 48 0.40 16.87 16.39
N LYS B 49 0.07 15.75 15.74
CA LYS B 49 -0.47 14.59 16.43
C LYS B 49 0.64 13.68 16.96
N ASP B 50 1.90 14.05 16.71
CA ASP B 50 3.04 13.22 17.11
C ASP B 50 4.00 14.03 17.98
N PRO B 51 3.56 14.45 19.18
CA PRO B 51 4.44 15.25 20.03
C PRO B 51 5.64 14.48 20.56
N ALA B 52 5.57 13.15 20.56
CA ALA B 52 6.71 12.34 20.98
C ALA B 52 7.78 12.26 19.90
N ARG B 53 7.47 12.83 18.72
CA ARG B 53 8.39 12.90 17.58
CA ARG B 53 8.38 12.90 17.57
C ARG B 53 8.86 11.52 17.12
N ILE B 54 7.99 10.53 17.25
CA ILE B 54 8.31 9.16 16.82
C ILE B 54 8.56 9.09 15.31
N PHE B 55 7.84 9.94 14.58
CA PHE B 55 7.87 9.90 13.11
C PHE B 55 8.50 11.15 12.51
N ALA B 56 9.15 11.95 13.34
CA ALA B 56 9.64 13.27 12.92
C ALA B 56 10.88 13.20 12.02
N GLN B 57 11.71 12.20 12.25
CA GLN B 57 13.02 12.13 11.61
C GLN B 57 13.29 10.71 11.14
N PRO B 58 14.22 10.54 10.19
CA PRO B 58 14.56 9.19 9.78
C PRO B 58 14.97 8.31 10.95
N VAL B 59 14.60 7.04 10.91
CA VAL B 59 15.08 6.09 11.90
C VAL B 59 16.61 6.06 11.84
N SER B 60 17.26 6.12 13.00
CA SER B 60 18.71 6.15 13.06
C SER B 60 19.32 4.76 12.92
N LEU B 61 20.19 4.57 11.94
CA LEU B 61 20.86 3.29 11.76
C LEU B 61 21.85 3.02 12.89
N LYS B 62 22.37 4.08 13.49
CA LYS B 62 23.24 3.95 14.65
C LYS B 62 22.49 3.32 15.80
N GLU B 63 21.23 3.73 15.97
CA GLU B 63 20.37 3.26 17.05
CA GLU B 63 20.42 3.23 17.07
C GLU B 63 19.68 1.95 16.69
N VAL B 64 19.37 1.80 15.41
CA VAL B 64 18.63 0.63 14.94
C VAL B 64 19.37 -0.01 13.77
N PRO B 65 20.46 -0.73 14.07
CA PRO B 65 21.38 -1.24 13.06
C PRO B 65 20.74 -2.17 12.03
N ASP B 66 19.63 -2.83 12.39
CA ASP B 66 19.03 -3.81 11.49
C ASP B 66 17.83 -3.26 10.71
N TYR B 67 17.60 -1.95 10.79
CA TYR B 67 16.39 -1.38 10.19
C TYR B 67 16.29 -1.66 8.70
N LEU B 68 17.38 -1.49 7.96
CA LEU B 68 17.37 -1.68 6.52
C LEU B 68 17.39 -3.15 6.09
N ASP B 69 17.62 -4.05 7.04
CA ASP B 69 17.42 -5.47 6.77
C ASP B 69 15.97 -5.73 6.38
N HIS B 70 15.06 -4.91 6.92
CA HIS B 70 13.64 -5.20 6.85
C HIS B 70 12.84 -4.15 6.13
N ILE B 71 13.28 -2.90 6.22
CA ILE B 71 12.52 -1.82 5.62
C ILE B 71 13.23 -1.30 4.38
N LYS B 72 12.55 -1.43 3.24
CA LYS B 72 13.16 -1.13 1.95
C LYS B 72 13.14 0.37 1.63
N HIS B 73 12.07 1.05 2.05
CA HIS B 73 11.92 2.48 1.74
C HIS B 73 11.53 3.29 2.97
N PRO B 74 12.53 3.69 3.76
CA PRO B 74 12.30 4.50 4.97
C PRO B 74 11.59 5.81 4.65
N MET B 75 10.79 6.30 5.59
CA MET B 75 10.11 7.58 5.41
C MET B 75 9.80 8.19 6.77
N ASP B 76 9.68 9.51 6.79
CA ASP B 76 9.49 10.28 8.01
C ASP B 76 8.98 11.66 7.66
N PHE B 77 8.50 12.40 8.65
CA PHE B 77 7.85 13.67 8.37
C PHE B 77 8.85 14.71 7.82
N ALA B 78 10.10 14.70 8.28
CA ALA B 78 11.07 15.70 7.81
C ALA B 78 11.39 15.49 6.33
N THR B 79 11.49 14.23 5.92
CA THR B 79 11.74 13.89 4.53
C THR B 79 10.52 14.30 3.68
N MET B 80 9.32 14.14 4.24
CA MET B 80 8.13 14.59 3.51
C MET B 80 8.12 16.10 3.38
N ARG B 81 8.49 16.82 4.44
CA ARG B 81 8.47 18.28 4.36
C ARG B 81 9.47 18.80 3.32
N LYS B 82 10.62 18.15 3.25
CA LYS B 82 11.65 18.48 2.27
C LYS B 82 11.12 18.31 0.86
N ARG B 83 10.44 17.18 0.62
CA ARG B 83 9.88 16.91 -0.69
C ARG B 83 8.77 17.91 -1.03
N LEU B 84 7.92 18.19 -0.06
CA LEU B 84 6.83 19.14 -0.25
C LEU B 84 7.35 20.51 -0.65
N GLU B 85 8.30 21.03 0.12
CA GLU B 85 8.73 22.40 -0.11
C GLU B 85 9.59 22.53 -1.37
N ALA B 86 10.14 21.42 -1.83
CA ALA B 86 10.91 21.42 -3.08
C ALA B 86 10.05 21.16 -4.30
N GLN B 87 8.73 21.27 -4.14
CA GLN B 87 7.77 21.04 -5.22
C GLN B 87 7.78 19.60 -5.76
N GLY B 88 8.07 18.62 -4.88
CA GLY B 88 8.17 17.23 -5.28
C GLY B 88 6.91 16.38 -5.22
N TYR B 89 5.81 16.95 -4.70
CA TYR B 89 4.52 16.26 -4.75
C TYR B 89 3.66 16.83 -5.88
N LYS B 90 3.37 15.99 -6.86
CA LYS B 90 2.59 16.42 -8.03
C LYS B 90 1.09 16.41 -7.75
N ASN B 91 0.68 15.60 -6.78
CA ASN B 91 -0.73 15.49 -6.43
C ASN B 91 -0.86 14.94 -5.02
N LEU B 92 -2.09 14.91 -4.51
CA LEU B 92 -2.34 14.42 -3.16
C LEU B 92 -1.97 12.95 -3.02
N HIS B 93 -2.23 12.14 -4.03
CA HIS B 93 -1.95 10.71 -3.92
C HIS B 93 -0.46 10.44 -3.63
N GLU B 94 0.44 11.19 -4.28
CA GLU B 94 1.87 10.99 -4.03
C GLU B 94 2.22 11.28 -2.56
N PHE B 95 1.57 12.28 -1.98
CA PHE B 95 1.73 12.64 -0.57
C PHE B 95 1.19 11.51 0.31
N GLU B 96 -0.02 11.05 0.00
CA GLU B 96 -0.63 9.92 0.71
CA GLU B 96 -0.62 9.92 0.71
C GLU B 96 0.28 8.69 0.72
N GLU B 97 0.91 8.40 -0.43
CA GLU B 97 1.78 7.24 -0.52
C GLU B 97 2.95 7.34 0.46
N ASP B 98 3.51 8.55 0.64
CA ASP B 98 4.62 8.71 1.59
C ASP B 98 4.13 8.59 3.04
N PHE B 99 2.94 9.12 3.33
CA PHE B 99 2.39 8.97 4.68
C PHE B 99 2.17 7.48 4.97
N ASP B 100 1.61 6.76 3.99
CA ASP B 100 1.39 5.33 4.17
C ASP B 100 2.71 4.59 4.43
N LEU B 101 3.81 5.01 3.80
CA LEU B 101 5.12 4.39 4.06
C LEU B 101 5.49 4.54 5.53
N ILE B 102 5.29 5.74 6.07
CA ILE B 102 5.60 5.97 7.49
C ILE B 102 4.86 4.98 8.38
N ILE B 103 3.55 4.87 8.17
CA ILE B 103 2.70 3.96 8.94
C ILE B 103 3.06 2.50 8.70
N ASP B 104 3.14 2.10 7.43
CA ASP B 104 3.38 0.70 7.08
C ASP B 104 4.74 0.22 7.55
N ASN B 105 5.77 1.05 7.40
CA ASN B 105 7.11 0.69 7.86
C ASN B 105 7.12 0.42 9.35
N CYS B 106 6.40 1.27 10.08
CA CYS B 106 6.38 1.18 11.54
C CYS B 106 5.64 -0.09 11.97
N MET B 107 4.53 -0.39 11.32
CA MET B 107 3.75 -1.58 11.67
C MET B 107 4.47 -2.85 11.28
N LYS B 108 5.28 -2.78 10.23
CA LYS B 108 6.05 -3.95 9.79
CA LYS B 108 6.06 -3.94 9.80
C LYS B 108 7.27 -4.18 10.70
N TYR B 109 7.98 -3.12 11.04
CA TYR B 109 9.21 -3.27 11.82
C TYR B 109 8.93 -3.60 13.29
N ASN B 110 7.93 -2.96 13.87
CA ASN B 110 7.65 -3.15 15.29
C ASN B 110 6.59 -4.22 15.54
N ALA B 111 6.74 -4.96 16.65
CA ALA B 111 5.73 -5.95 17.00
C ALA B 111 4.41 -5.28 17.39
N ARG B 112 3.29 -5.97 17.23
CA ARG B 112 2.00 -5.30 17.42
C ARG B 112 1.76 -4.85 18.86
N ASP B 113 2.28 -5.59 19.82
CA ASP B 113 2.07 -5.25 21.22
C ASP B 113 3.23 -4.37 21.68
N THR B 114 3.35 -3.20 21.07
CA THR B 114 4.40 -2.22 21.39
C THR B 114 3.83 -0.81 21.29
N VAL B 115 4.48 0.12 21.99
CA VAL B 115 4.04 1.51 22.00
C VAL B 115 4.19 2.16 20.63
N PHE B 116 5.28 1.89 19.93
CA PHE B 116 5.50 2.50 18.61
C PHE B 116 4.49 1.97 17.59
N TYR B 117 4.22 0.67 17.60
CA TYR B 117 3.20 0.12 16.69
C TYR B 117 1.85 0.75 16.98
N ARG B 118 1.47 0.85 18.25
CA ARG B 118 0.19 1.45 18.56
C ARG B 118 0.15 2.94 18.17
N ALA B 119 1.31 3.61 18.21
CA ALA B 119 1.37 5.00 17.77
C ALA B 119 1.07 5.09 16.28
N ALA B 120 1.60 4.15 15.52
CA ALA B 120 1.32 4.13 14.08
C ALA B 120 -0.16 3.85 13.79
N VAL B 121 -0.77 2.94 14.54
CA VAL B 121 -2.20 2.67 14.38
C VAL B 121 -3.02 3.92 14.71
N ARG B 122 -2.62 4.64 15.76
CA ARG B 122 -3.30 5.88 16.15
C ARG B 122 -3.19 6.94 15.04
N LEU B 123 -1.98 7.14 14.55
CA LEU B 123 -1.74 8.12 13.48
C LEU B 123 -2.41 7.71 12.16
N ARG B 124 -2.49 6.40 11.91
CA ARG B 124 -3.20 5.92 10.72
C ARG B 124 -4.67 6.32 10.77
N ASP B 125 -5.33 6.10 11.92
CA ASP B 125 -6.73 6.48 12.13
C ASP B 125 -6.91 7.97 11.91
N GLN B 126 -6.12 8.76 12.64
CA GLN B 126 -6.27 10.20 12.60
C GLN B 126 -5.92 10.73 11.21
N GLY B 127 -4.83 10.21 10.67
CA GLY B 127 -4.37 10.63 9.35
C GLY B 127 -5.32 10.28 8.22
N GLY B 128 -5.97 9.14 8.31
CA GLY B 128 -6.93 8.74 7.30
C GLY B 128 -8.05 9.75 7.21
N VAL B 129 -8.49 10.26 8.36
CA VAL B 129 -9.57 11.25 8.36
C VAL B 129 -9.08 12.58 7.77
N VAL B 130 -7.89 13.00 8.15
CA VAL B 130 -7.31 14.23 7.61
C VAL B 130 -7.17 14.12 6.10
N LEU B 131 -6.66 12.99 5.62
CA LEU B 131 -6.43 12.82 4.19
C LEU B 131 -7.74 12.70 3.40
N ARG B 132 -8.77 12.09 3.97
CA ARG B 132 -10.06 12.06 3.26
C ARG B 132 -10.66 13.47 3.17
N GLN B 133 -10.45 14.29 4.19
CA GLN B 133 -10.90 15.69 4.14
C GLN B 133 -10.08 16.47 3.11
N ALA B 134 -8.79 16.14 3.02
CA ALA B 134 -7.94 16.77 2.02
C ALA B 134 -8.44 16.43 0.61
N ARG B 135 -8.90 15.20 0.42
CA ARG B 135 -9.43 14.79 -0.87
C ARG B 135 -10.67 15.62 -1.22
N ARG B 136 -11.53 15.86 -0.22
CA ARG B 136 -12.70 16.70 -0.43
C ARG B 136 -12.29 18.11 -0.84
N GLU B 137 -11.23 18.63 -0.23
CA GLU B 137 -10.74 19.97 -0.56
C GLU B 137 -10.13 20.02 -1.96
N VAL B 138 -9.38 18.99 -2.32
CA VAL B 138 -8.86 18.87 -3.70
C VAL B 138 -10.01 19.01 -4.69
N ASP B 139 -11.11 18.28 -4.46
CA ASP B 139 -12.25 18.36 -5.36
C ASP B 139 -12.94 19.72 -5.31
N SER B 140 -13.10 20.28 -4.11
CA SER B 140 -13.75 21.58 -3.94
C SER B 140 -12.96 22.72 -4.57
N ILE B 141 -11.64 22.67 -4.46
CA ILE B 141 -10.78 23.73 -4.99
C ILE B 141 -10.54 23.59 -6.50
N GLY B 142 -10.66 22.36 -7.01
CA GLY B 142 -10.46 22.07 -8.42
C GLY B 142 -9.02 21.73 -8.78
N LEU B 143 -8.31 21.11 -7.86
CA LEU B 143 -6.88 20.86 -8.04
C LEU B 143 -6.61 19.70 -8.99
N GLU B 144 -7.62 18.86 -9.22
CA GLU B 144 -7.50 17.82 -10.24
C GLU B 144 -8.63 17.92 -11.27
N1 8SV C . -4.31 -19.93 10.15
N3 8SV C . -2.64 -14.78 11.32
C4 8SV C . -2.87 -16.55 9.94
C5 8SV C . -3.14 -16.08 11.23
C6 8SV C . -3.79 -16.88 12.15
C7 8SV C . -4.19 -18.14 11.78
C8 8SV C . -2.70 -13.91 12.49
C10 8SV C . -1.75 -15.58 7.89
C1 8SV C . -3.95 -20.55 8.91
C2 8SV C . -3.92 -18.63 10.48
C3 8SV C . -3.26 -17.83 9.57
N2 8SV C . -4.90 -18.95 12.75
O1 8SV C . -5.01 -18.57 13.91
O2 8SV C . -5.41 -20.02 12.41
C9 8SV C . -2.08 -14.45 10.12
N4 8SV C . -2.20 -15.52 9.27
O3 8SV C . -1.55 -13.38 9.85
NA NA D . 4.45 -5.76 13.27
C1 EDO E . 9.38 2.84 14.45
O1 EDO E . 10.42 1.86 14.63
C2 EDO E . 9.91 4.24 14.74
O2 EDO E . 9.33 5.15 13.80
C1 EDO F . -5.66 10.98 -0.01
O1 EDO F . -5.51 10.77 -1.43
C2 EDO F . -7.13 10.88 0.36
O2 EDO F . -7.78 9.90 -0.44
N1 8SV G . 14.72 5.77 18.06
N3 8SV G . 10.55 4.46 14.70
C4 8SV G . 12.33 3.91 15.98
C5 8SV G . 11.53 4.97 15.54
C6 8SV G . 11.79 6.26 15.93
C7 8SV G . 12.84 6.51 16.77
C8 8SV G . 9.52 5.22 14.03
C10 8SV G . 12.32 1.41 15.58
C1 8SV G . 15.76 4.82 18.37
C2 8SV G . 13.66 5.45 17.23
C3 8SV G . 13.39 4.16 16.82
N2 8SV G . 13.11 7.88 17.19
O1 8SV G . 12.39 8.78 16.79
O2 8SV G . 14.05 8.14 17.92
C9 8SV G . 10.73 3.09 14.62
N4 8SV G . 11.81 2.75 15.40
O3 8SV G . 10.02 2.34 13.96
#